data_5V6H
#
_entry.id   5V6H
#
_cell.length_a   171.848
_cell.length_b   53.240
_cell.length_c   122.764
_cell.angle_alpha   90.00
_cell.angle_beta   108.23
_cell.angle_gamma   90.00
#
_symmetry.space_group_name_H-M   'C 1 2 1'
#
loop_
_entity.id
_entity.type
_entity.pdbx_description
1 polymer 'PDZ domain-containing protein GIPC2'
2 polymer 'Unconventional myosin-VI'
#
loop_
_entity_poly.entity_id
_entity_poly.type
_entity_poly.pdbx_seq_one_letter_code
_entity_poly.pdbx_strand_id
1 'polypeptide(L)' GPHMSEAKAKAIGKVDDLLELYMGIRDIDLATTMFEAGKDKSNPDEFAVALDETLGDFAFPDEFLFDVWGAISDMKQGR A,C,E,G,I
2 'polypeptide(L)' GPGSHDLSKWKYAELRDTINTSCDIELLAACREEFHRRLKVYHAWKSKN B,D,F,H,J
#
# COMPACT_ATOMS: atom_id res chain seq x y z
N HIS A 3 -6.88 -1.57 -31.24
CA HIS A 3 -7.91 -0.95 -30.41
C HIS A 3 -7.26 -0.23 -29.23
N MET A 4 -7.22 1.10 -29.32
CA MET A 4 -6.55 1.92 -28.31
C MET A 4 -7.42 2.26 -27.10
N SER A 5 -8.58 1.63 -26.99
CA SER A 5 -9.43 1.83 -25.82
C SER A 5 -9.34 0.59 -24.93
N GLU A 6 -9.11 -0.56 -25.55
CA GLU A 6 -8.88 -1.79 -24.82
C GLU A 6 -7.58 -1.68 -24.03
N ALA A 7 -6.70 -0.80 -24.49
CA ALA A 7 -5.44 -0.53 -23.83
C ALA A 7 -5.65 0.28 -22.55
N LYS A 8 -6.50 1.31 -22.64
CA LYS A 8 -6.81 2.14 -21.48
C LYS A 8 -7.49 1.29 -20.41
N ALA A 9 -8.42 0.45 -20.84
CA ALA A 9 -9.18 -0.41 -19.93
C ALA A 9 -8.28 -1.43 -19.23
N LYS A 10 -7.36 -2.03 -19.99
CA LYS A 10 -6.41 -2.96 -19.42
C LYS A 10 -5.53 -2.27 -18.39
N ALA A 11 -5.14 -1.03 -18.71
CA ALA A 11 -4.27 -0.24 -17.85
C ALA A 11 -4.94 0.01 -16.50
N ILE A 12 -6.15 0.56 -16.56
CA ILE A 12 -6.94 0.82 -15.37
C ILE A 12 -7.17 -0.48 -14.60
N GLY A 13 -7.57 -1.54 -15.32
CA GLY A 13 -7.78 -2.83 -14.70
C GLY A 13 -6.56 -3.37 -13.98
N LYS A 14 -5.38 -3.10 -14.52
CA LYS A 14 -4.15 -3.51 -13.88
C LYS A 14 -3.85 -2.64 -12.66
N VAL A 15 -4.45 -1.46 -12.61
CA VAL A 15 -4.21 -0.53 -11.50
C VAL A 15 -5.08 -0.83 -10.29
N ASP A 16 -6.38 -1.02 -10.50
CA ASP A 16 -7.24 -1.32 -9.37
C ASP A 16 -6.95 -2.74 -8.87
N ASP A 17 -6.26 -3.51 -9.70
CA ASP A 17 -5.75 -4.80 -9.25
C ASP A 17 -4.73 -4.53 -8.15
N LEU A 18 -3.93 -3.48 -8.35
CA LEU A 18 -2.96 -3.11 -7.34
C LEU A 18 -3.66 -2.45 -6.15
N LEU A 19 -4.84 -1.88 -6.39
CA LEU A 19 -5.62 -1.29 -5.30
C LEU A 19 -6.15 -2.37 -4.36
N GLU A 20 -6.44 -3.54 -4.90
CA GLU A 20 -6.93 -4.64 -4.08
C GLU A 20 -5.82 -5.28 -3.27
N LEU A 21 -4.58 -5.05 -3.69
CA LEU A 21 -3.43 -5.60 -2.99
C LEU A 21 -2.96 -4.65 -1.90
N TYR A 22 -3.44 -3.42 -1.95
CA TYR A 22 -3.01 -2.41 -0.99
C TYR A 22 -4.09 -2.09 0.02
N MET A 23 -5.35 -2.19 -0.37
CA MET A 23 -6.46 -1.85 0.51
C MET A 23 -7.57 -2.90 0.52
N GLY A 24 -7.48 -3.88 -0.37
CA GLY A 24 -8.50 -4.91 -0.48
C GLY A 24 -9.76 -4.39 -1.17
N ILE A 25 -9.74 -3.09 -1.46
CA ILE A 25 -10.84 -2.42 -2.15
C ILE A 25 -10.62 -2.42 -3.64
N ARG A 26 -11.64 -2.06 -4.40
CA ARG A 26 -11.54 -2.09 -5.84
C ARG A 26 -12.68 -1.32 -6.50
N ASP A 27 -12.42 -0.08 -6.88
CA ASP A 27 -13.40 0.68 -7.65
C ASP A 27 -12.69 1.37 -8.82
N ILE A 28 -13.39 1.46 -9.94
CA ILE A 28 -12.79 1.88 -11.19
C ILE A 28 -12.59 3.39 -11.26
N ASP A 29 -13.36 4.12 -10.45
CA ASP A 29 -13.29 5.57 -10.45
C ASP A 29 -11.96 6.06 -9.90
N LEU A 30 -11.44 5.35 -8.91
CA LEU A 30 -10.16 5.71 -8.31
C LEU A 30 -9.04 5.33 -9.25
N ALA A 31 -9.07 4.09 -9.73
CA ALA A 31 -8.05 3.58 -10.62
C ALA A 31 -7.89 4.46 -11.86
N THR A 32 -9.01 5.00 -12.32
CA THR A 32 -9.02 5.87 -13.48
C THR A 32 -8.52 7.26 -13.11
N THR A 33 -8.85 7.70 -11.90
CA THR A 33 -8.40 9.00 -11.41
C THR A 33 -6.88 9.07 -11.41
N MET A 34 -6.26 7.97 -10.97
CA MET A 34 -4.81 7.87 -10.92
C MET A 34 -4.20 7.75 -12.30
N PHE A 35 -4.74 6.82 -13.08
CA PHE A 35 -4.29 6.59 -14.43
C PHE A 35 -4.25 7.87 -15.24
N GLU A 36 -5.29 8.69 -15.10
CA GLU A 36 -5.36 9.92 -15.88
C GLU A 36 -4.55 11.03 -15.25
N ALA A 37 -3.67 10.67 -14.33
CA ALA A 37 -2.72 11.61 -13.76
C ALA A 37 -1.31 11.30 -14.24
N GLY A 38 -1.18 10.31 -15.13
CA GLY A 38 0.11 9.85 -15.57
C GLY A 38 0.32 9.85 -17.08
N LYS A 39 -0.75 9.74 -17.84
CA LYS A 39 -0.66 9.68 -19.30
C LYS A 39 -0.19 11.01 -19.92
N ASP A 40 0.36 11.88 -19.08
CA ASP A 40 0.86 13.17 -19.52
C ASP A 40 2.28 13.40 -19.02
N LYS A 41 2.63 12.72 -17.92
CA LYS A 41 3.93 12.88 -17.30
C LYS A 41 4.93 11.88 -17.89
N SER A 42 6.21 12.05 -17.56
CA SER A 42 7.26 11.25 -18.18
C SER A 42 8.07 10.44 -17.17
N ASN A 43 8.04 10.85 -15.92
CA ASN A 43 8.75 10.12 -14.87
C ASN A 43 7.89 9.99 -13.62
N PRO A 44 8.14 8.96 -12.80
CA PRO A 44 7.30 8.69 -11.63
C PRO A 44 7.33 9.78 -10.57
N ASP A 45 8.17 10.80 -10.75
CA ASP A 45 8.18 11.94 -9.84
C ASP A 45 7.17 13.00 -10.29
N GLU A 46 7.05 13.19 -11.60
CA GLU A 46 6.04 14.08 -12.14
C GLU A 46 4.65 13.52 -11.85
N PHE A 47 4.55 12.19 -11.86
CA PHE A 47 3.31 11.48 -11.56
C PHE A 47 2.99 11.57 -10.08
N ALA A 48 4.04 11.52 -9.26
CA ALA A 48 3.88 11.59 -7.81
C ALA A 48 3.32 12.93 -7.38
N VAL A 49 3.66 13.98 -8.11
CA VAL A 49 3.19 15.31 -7.78
C VAL A 49 1.71 15.47 -8.14
N ALA A 50 1.32 14.93 -9.29
CA ALA A 50 -0.07 15.00 -9.73
C ALA A 50 -0.99 14.28 -8.74
N LEU A 51 -0.50 13.19 -8.18
CA LEU A 51 -1.28 12.42 -7.21
C LEU A 51 -1.51 13.21 -5.93
N ASP A 52 -0.47 13.89 -5.48
CA ASP A 52 -0.48 14.55 -4.18
C ASP A 52 -1.56 15.63 -4.06
N GLU A 53 -1.98 16.17 -5.21
CA GLU A 53 -3.01 17.19 -5.24
C GLU A 53 -4.37 16.62 -4.84
N THR A 54 -4.76 15.53 -5.49
CA THR A 54 -6.05 14.90 -5.24
C THR A 54 -5.99 13.83 -4.16
N LEU A 55 -4.93 13.04 -4.16
CA LEU A 55 -4.81 11.91 -3.25
C LEU A 55 -3.58 12.01 -2.36
N GLY A 56 -3.26 13.21 -1.92
CA GLY A 56 -2.11 13.41 -1.06
C GLY A 56 -2.18 12.67 0.25
N ASP A 57 -3.36 12.67 0.87
CA ASP A 57 -3.54 12.10 2.20
C ASP A 57 -3.42 10.59 2.25
N PHE A 58 -3.27 9.95 1.10
CA PHE A 58 -3.15 8.51 1.04
C PHE A 58 -1.81 7.99 1.54
N ALA A 59 -0.77 8.82 1.39
CA ALA A 59 0.61 8.45 1.71
C ALA A 59 0.97 7.10 1.09
N PHE A 60 0.71 7.00 -0.21
CA PHE A 60 1.00 5.81 -1.00
C PHE A 60 2.44 5.36 -0.90
N PRO A 61 2.67 4.08 -0.58
CA PRO A 61 4.03 3.53 -0.51
C PRO A 61 4.72 3.61 -1.86
N ASP A 62 6.03 3.76 -1.86
CA ASP A 62 6.76 3.99 -3.09
C ASP A 62 6.72 2.79 -4.02
N GLU A 63 6.74 1.59 -3.46
CA GLU A 63 6.61 0.38 -4.26
C GLU A 63 5.24 0.27 -4.94
N PHE A 64 4.24 0.95 -4.38
CA PHE A 64 2.91 0.92 -4.95
C PHE A 64 2.80 1.88 -6.12
N LEU A 65 3.16 3.14 -5.89
CA LEU A 65 3.03 4.15 -6.93
C LEU A 65 4.01 3.90 -8.10
N PHE A 66 5.01 3.05 -7.86
CA PHE A 66 5.88 2.58 -8.93
C PHE A 66 5.11 1.64 -9.84
N ASP A 67 4.57 0.60 -9.24
CA ASP A 67 3.82 -0.42 -9.97
C ASP A 67 2.66 0.18 -10.76
N VAL A 68 2.05 1.23 -10.22
CA VAL A 68 1.02 1.96 -10.95
C VAL A 68 1.63 2.68 -12.14
N TRP A 69 2.75 3.38 -11.91
CA TRP A 69 3.47 4.05 -12.98
C TRP A 69 3.98 3.01 -13.99
N GLY A 70 4.28 1.82 -13.49
CA GLY A 70 4.68 0.74 -14.35
C GLY A 70 3.52 0.27 -15.21
N ALA A 71 2.31 0.40 -14.67
CA ALA A 71 1.12 -0.02 -15.40
C ALA A 71 0.73 1.01 -16.46
N ILE A 72 1.09 2.26 -16.22
CA ILE A 72 0.76 3.34 -17.14
C ILE A 72 1.74 3.38 -18.30
N SER A 73 3.02 3.18 -18.00
CA SER A 73 4.07 3.24 -19.02
C SER A 73 3.97 2.06 -20.00
N ASP A 74 3.17 1.07 -19.66
CA ASP A 74 2.96 -0.09 -20.52
C ASP A 74 2.08 0.27 -21.73
N MET A 75 1.43 1.43 -21.65
CA MET A 75 0.57 1.88 -22.73
C MET A 75 1.42 2.36 -23.91
N LYS A 76 2.73 2.45 -23.69
CA LYS A 76 3.68 2.80 -24.76
C LYS A 76 3.85 1.64 -25.75
N GLN A 77 3.51 0.42 -25.32
CA GLN A 77 3.57 -0.74 -26.18
C GLN A 77 2.64 -1.86 -25.70
N ASP B 6 7.16 2.81 9.18
CA ASP B 6 7.50 1.70 8.30
C ASP B 6 6.31 0.77 8.09
N LEU B 7 5.11 1.32 8.29
CA LEU B 7 3.88 0.53 8.20
C LEU B 7 3.13 0.84 6.92
N SER B 8 3.42 2.01 6.35
CA SER B 8 2.77 2.44 5.11
C SER B 8 3.10 1.47 3.98
N LYS B 9 4.31 0.90 4.03
CA LYS B 9 4.77 0.01 2.98
C LYS B 9 4.20 -1.40 3.10
N TRP B 10 3.36 -1.62 4.11
CA TRP B 10 2.77 -2.94 4.32
C TRP B 10 1.73 -3.27 3.26
N LYS B 11 1.73 -4.52 2.79
CA LYS B 11 0.72 -4.99 1.85
C LYS B 11 -0.56 -5.32 2.62
N TYR B 12 -1.70 -5.16 1.95
CA TYR B 12 -3.00 -5.35 2.60
C TYR B 12 -3.13 -6.72 3.25
N ALA B 13 -2.93 -7.77 2.47
CA ALA B 13 -3.10 -9.14 2.98
C ALA B 13 -2.13 -9.44 4.13
N GLU B 14 -1.06 -8.65 4.22
CA GLU B 14 -0.10 -8.76 5.32
C GLU B 14 -0.63 -8.07 6.56
N LEU B 15 -1.31 -6.95 6.37
CA LEU B 15 -2.02 -6.29 7.46
C LEU B 15 -3.15 -7.18 7.95
N ARG B 16 -3.74 -7.91 7.02
CA ARG B 16 -4.92 -8.72 7.30
C ARG B 16 -4.57 -10.03 8.00
N ASP B 17 -3.53 -10.71 7.52
CA ASP B 17 -3.06 -11.94 8.14
C ASP B 17 -2.50 -11.67 9.52
N THR B 18 -1.95 -10.48 9.72
CA THR B 18 -1.37 -10.12 11.01
C THR B 18 -2.46 -9.84 12.03
N ILE B 19 -3.43 -9.02 11.68
CA ILE B 19 -4.52 -8.69 12.58
C ILE B 19 -5.28 -9.96 12.95
N ASN B 20 -5.35 -10.90 12.00
CA ASN B 20 -6.10 -12.13 12.20
C ASN B 20 -5.30 -13.30 12.80
N THR B 21 -4.03 -13.10 13.13
CA THR B 21 -3.22 -14.19 13.68
C THR B 21 -2.24 -13.81 14.80
N SER B 22 -1.80 -12.57 14.83
CA SER B 22 -0.76 -12.15 15.77
C SER B 22 -1.25 -12.12 17.21
N CYS B 23 -0.35 -11.79 18.14
CA CYS B 23 -0.70 -11.66 19.55
C CYS B 23 -0.12 -10.37 20.13
N ASP B 24 0.85 -9.79 19.43
CA ASP B 24 1.54 -8.61 19.91
C ASP B 24 0.57 -7.45 20.10
N ILE B 25 0.47 -6.99 21.35
CA ILE B 25 -0.51 -5.96 21.73
C ILE B 25 -0.29 -4.65 20.98
N GLU B 26 0.97 -4.21 20.87
CA GLU B 26 1.29 -2.98 20.17
C GLU B 26 1.11 -3.14 18.66
N LEU B 27 1.66 -4.22 18.13
CA LEU B 27 1.60 -4.51 16.70
C LEU B 27 0.16 -4.63 16.19
N LEU B 28 -0.63 -5.43 16.92
CA LEU B 28 -2.03 -5.63 16.57
C LEU B 28 -2.76 -4.30 16.49
N ALA B 29 -2.52 -3.45 17.50
CA ALA B 29 -3.17 -2.15 17.55
C ALA B 29 -2.62 -1.21 16.48
N ALA B 30 -1.36 -1.39 16.12
CA ALA B 30 -0.73 -0.55 15.11
C ALA B 30 -1.14 -0.97 13.69
N CYS B 31 -1.54 -2.23 13.54
CA CYS B 31 -2.03 -2.73 12.26
C CYS B 31 -3.49 -2.31 12.03
N ARG B 32 -4.28 -2.34 13.10
CA ARG B 32 -5.65 -1.90 13.01
C ARG B 32 -5.69 -0.44 12.58
N GLU B 33 -4.96 0.41 13.29
CA GLU B 33 -5.03 1.83 13.01
C GLU B 33 -4.38 2.19 11.67
N GLU B 34 -3.58 1.28 11.13
CA GLU B 34 -3.01 1.47 9.80
C GLU B 34 -3.96 0.98 8.73
N PHE B 35 -4.53 -0.19 8.94
CA PHE B 35 -5.58 -0.71 8.08
C PHE B 35 -6.75 0.24 8.03
N HIS B 36 -7.04 0.87 9.18
CA HIS B 36 -8.10 1.86 9.29
C HIS B 36 -7.75 3.13 8.51
N ARG B 37 -6.54 3.64 8.73
CA ARG B 37 -6.11 4.89 8.09
C ARG B 37 -6.26 4.83 6.59
N ARG B 38 -6.02 3.66 6.01
CA ARG B 38 -6.12 3.48 4.56
C ARG B 38 -7.57 3.59 4.09
N LEU B 39 -8.46 2.80 4.69
CA LEU B 39 -9.87 2.86 4.34
C LEU B 39 -10.52 4.15 4.85
N LYS B 40 -9.79 4.86 5.71
CA LYS B 40 -10.23 6.19 6.14
C LYS B 40 -10.10 7.19 5.01
N VAL B 41 -8.89 7.33 4.48
CA VAL B 41 -8.62 8.30 3.43
C VAL B 41 -9.42 7.96 2.18
N TYR B 42 -9.65 6.65 1.99
CA TYR B 42 -10.48 6.20 0.88
C TYR B 42 -11.88 6.76 0.99
N HIS B 43 -12.51 6.54 2.14
CA HIS B 43 -13.86 7.00 2.43
C HIS B 43 -13.97 8.52 2.28
N ALA B 44 -12.86 9.20 2.54
CA ALA B 44 -12.79 10.65 2.43
C ALA B 44 -12.83 11.09 0.97
N TRP B 45 -11.95 10.50 0.17
CA TRP B 45 -11.88 10.82 -1.24
C TRP B 45 -13.12 10.33 -1.98
N LYS B 46 -13.65 9.19 -1.56
CA LYS B 46 -14.80 8.59 -2.21
C LYS B 46 -16.06 9.44 -1.99
N SER B 47 -16.09 10.18 -0.89
CA SER B 47 -17.23 11.03 -0.57
C SER B 47 -17.40 12.15 -1.59
N LYS B 48 -16.28 12.77 -1.98
CA LYS B 48 -16.30 13.86 -2.94
C LYS B 48 -16.48 13.35 -4.36
N ASN B 49 -16.05 12.12 -4.60
CA ASN B 49 -16.05 11.56 -5.95
C ASN B 49 -16.79 10.22 -6.03
N SER C 5 -19.27 -22.64 3.26
CA SER C 5 -19.71 -23.45 4.38
C SER C 5 -18.83 -23.21 5.61
N GLU C 6 -17.58 -23.67 5.53
CA GLU C 6 -16.62 -23.44 6.60
C GLU C 6 -16.04 -22.04 6.48
N ALA C 7 -16.24 -21.43 5.31
CA ALA C 7 -15.82 -20.06 5.07
C ALA C 7 -16.91 -19.10 5.49
N LYS C 8 -18.16 -19.47 5.19
CA LYS C 8 -19.33 -18.67 5.55
C LYS C 8 -19.52 -18.67 7.08
N ALA C 9 -19.35 -19.84 7.70
CA ALA C 9 -19.43 -19.93 9.15
C ALA C 9 -18.32 -19.11 9.81
N LYS C 10 -17.11 -19.21 9.26
CA LYS C 10 -15.96 -18.54 9.86
C LYS C 10 -16.04 -17.02 9.73
N ALA C 11 -16.48 -16.55 8.57
CA ALA C 11 -16.60 -15.13 8.34
C ALA C 11 -17.66 -14.52 9.26
N ILE C 12 -18.82 -15.18 9.36
CA ILE C 12 -19.89 -14.73 10.24
C ILE C 12 -19.42 -14.72 11.68
N GLY C 13 -18.51 -15.63 12.02
CA GLY C 13 -17.96 -15.73 13.36
C GLY C 13 -17.16 -14.52 13.80
N LYS C 14 -16.40 -13.95 12.87
CA LYS C 14 -15.60 -12.76 13.15
C LYS C 14 -16.47 -11.50 13.14
N VAL C 15 -17.73 -11.66 12.76
CA VAL C 15 -18.64 -10.53 12.60
C VAL C 15 -19.31 -10.14 13.92
N ASP C 16 -20.01 -11.09 14.55
CA ASP C 16 -20.76 -10.78 15.75
C ASP C 16 -19.85 -10.60 16.97
N ASP C 17 -18.56 -10.92 16.79
CA ASP C 17 -17.57 -10.61 17.82
C ASP C 17 -17.33 -9.11 17.83
N LEU C 18 -17.51 -8.48 16.66
CA LEU C 18 -17.40 -7.04 16.54
C LEU C 18 -18.64 -6.35 17.09
N LEU C 19 -19.75 -7.09 17.09
CA LEU C 19 -20.98 -6.62 17.69
C LEU C 19 -20.84 -6.60 19.20
N GLU C 20 -20.40 -7.72 19.74
CA GLU C 20 -20.23 -7.89 21.18
C GLU C 20 -19.18 -6.93 21.75
N LEU C 21 -18.46 -6.25 20.85
CA LEU C 21 -17.53 -5.20 21.26
C LEU C 21 -18.16 -3.82 21.05
N TYR C 22 -19.23 -3.80 20.26
CA TYR C 22 -19.92 -2.55 19.96
C TYR C 22 -21.15 -2.39 20.84
N MET C 23 -21.77 -3.51 21.23
CA MET C 23 -22.98 -3.49 22.04
C MET C 23 -22.89 -4.43 23.23
N GLY C 24 -22.23 -5.56 23.05
CA GLY C 24 -22.16 -6.57 24.08
C GLY C 24 -23.24 -7.63 23.90
N ILE C 25 -23.93 -7.55 22.76
CA ILE C 25 -24.93 -8.56 22.41
C ILE C 25 -24.39 -9.49 21.35
N ARG C 26 -25.25 -10.38 20.87
CA ARG C 26 -24.84 -11.41 19.94
C ARG C 26 -26.02 -12.17 19.35
N ASP C 27 -25.95 -12.44 18.05
CA ASP C 27 -26.85 -13.38 17.39
C ASP C 27 -26.32 -13.66 16.00
N ILE C 28 -26.37 -14.93 15.60
CA ILE C 28 -25.86 -15.33 14.30
C ILE C 28 -26.76 -14.81 13.19
N ASP C 29 -27.99 -14.46 13.53
CA ASP C 29 -28.95 -13.93 12.57
C ASP C 29 -28.50 -12.61 11.98
N LEU C 30 -28.29 -11.62 12.85
CA LEU C 30 -27.84 -10.30 12.41
C LEU C 30 -26.40 -10.36 11.91
N ALA C 31 -25.63 -11.29 12.48
CA ALA C 31 -24.26 -11.50 12.05
C ALA C 31 -24.23 -11.98 10.61
N THR C 32 -25.11 -12.90 10.27
CA THR C 32 -25.21 -13.42 8.91
C THR C 32 -25.75 -12.36 7.96
N THR C 33 -26.71 -11.59 8.46
CA THR C 33 -27.34 -10.53 7.67
C THR C 33 -26.31 -9.54 7.14
N MET C 34 -25.41 -9.13 8.02
CA MET C 34 -24.37 -8.19 7.64
C MET C 34 -23.28 -8.84 6.79
N PHE C 35 -23.27 -10.17 6.74
CA PHE C 35 -22.26 -10.88 5.96
C PHE C 35 -22.73 -11.09 4.53
N GLU C 36 -23.96 -11.54 4.37
CA GLU C 36 -24.50 -11.79 3.05
C GLU C 36 -24.67 -10.48 2.29
N ALA C 37 -24.78 -9.39 3.02
CA ALA C 37 -24.92 -8.07 2.42
C ALA C 37 -23.57 -7.51 1.97
N GLY C 38 -22.54 -8.33 2.03
CA GLY C 38 -21.20 -7.91 1.63
C GLY C 38 -20.46 -8.89 0.74
N LYS C 39 -21.06 -10.07 0.54
CA LYS C 39 -20.45 -11.11 -0.28
C LYS C 39 -20.46 -10.74 -1.76
N ASP C 40 -21.31 -9.79 -2.12
CA ASP C 40 -21.46 -9.38 -3.52
C ASP C 40 -20.62 -8.15 -3.85
N LYS C 41 -20.38 -7.31 -2.85
CA LYS C 41 -19.80 -6.00 -3.07
C LYS C 41 -18.26 -6.04 -3.16
N SER C 42 -17.68 -4.95 -3.66
CA SER C 42 -16.24 -4.90 -3.90
C SER C 42 -15.55 -3.68 -3.27
N ASN C 43 -16.24 -3.05 -2.31
CA ASN C 43 -15.68 -1.94 -1.52
C ASN C 43 -16.66 -1.57 -0.40
N PRO C 44 -16.14 -1.08 0.74
CA PRO C 44 -16.97 -0.81 1.92
C PRO C 44 -18.04 0.27 1.70
N ASP C 45 -18.00 0.98 0.58
CA ASP C 45 -18.98 2.02 0.31
C ASP C 45 -20.21 1.45 -0.37
N GLU C 46 -20.02 0.43 -1.20
CA GLU C 46 -21.16 -0.30 -1.76
C GLU C 46 -21.79 -1.14 -0.68
N PHE C 47 -20.97 -1.56 0.28
CA PHE C 47 -21.43 -2.33 1.41
C PHE C 47 -22.30 -1.47 2.33
N ALA C 48 -21.91 -0.21 2.48
CA ALA C 48 -22.63 0.74 3.34
C ALA C 48 -24.04 1.03 2.82
N VAL C 49 -24.15 1.15 1.50
CA VAL C 49 -25.43 1.41 0.85
C VAL C 49 -26.38 0.24 1.10
N ALA C 50 -25.85 -0.97 1.06
CA ALA C 50 -26.64 -2.18 1.30
C ALA C 50 -27.07 -2.29 2.76
N LEU C 51 -26.16 -1.94 3.67
CA LEU C 51 -26.45 -1.95 5.10
C LEU C 51 -27.53 -0.95 5.47
N ASP C 52 -27.48 0.22 4.84
CA ASP C 52 -28.39 1.30 5.15
C ASP C 52 -29.84 0.90 4.86
N GLU C 53 -30.01 0.04 3.87
CA GLU C 53 -31.34 -0.40 3.45
C GLU C 53 -32.09 -1.16 4.54
N THR C 54 -31.34 -1.75 5.48
CA THR C 54 -31.94 -2.59 6.52
C THR C 54 -31.59 -2.09 7.93
N LEU C 55 -30.36 -1.60 8.09
CA LEU C 55 -29.86 -1.21 9.40
C LEU C 55 -29.30 0.21 9.40
N GLY C 56 -30.07 1.14 8.83
CA GLY C 56 -29.64 2.53 8.75
C GLY C 56 -29.81 3.27 10.06
N ASP C 57 -30.79 2.84 10.86
CA ASP C 57 -31.05 3.46 12.15
C ASP C 57 -29.94 3.15 13.16
N PHE C 58 -29.02 2.27 12.78
CA PHE C 58 -27.92 1.89 13.65
C PHE C 58 -26.85 2.97 13.77
N ALA C 59 -26.46 3.53 12.62
CA ALA C 59 -25.41 4.54 12.55
C ALA C 59 -24.13 4.09 13.25
N PHE C 60 -23.56 2.97 12.78
CA PHE C 60 -22.28 2.50 13.26
C PHE C 60 -21.20 3.54 13.04
N PRO C 61 -20.15 3.50 13.85
CA PRO C 61 -19.00 4.35 13.53
C PRO C 61 -18.32 3.85 12.27
N ASP C 62 -17.51 4.69 11.64
CA ASP C 62 -16.82 4.29 10.43
C ASP C 62 -15.87 3.14 10.71
N GLU C 63 -15.18 3.20 11.85
CA GLU C 63 -14.18 2.18 12.18
C GLU C 63 -14.79 0.81 12.45
N PHE C 64 -16.11 0.76 12.59
CA PHE C 64 -16.78 -0.51 12.82
C PHE C 64 -17.00 -1.30 11.54
N LEU C 65 -17.72 -0.70 10.60
CA LEU C 65 -18.04 -1.39 9.36
C LEU C 65 -16.78 -1.66 8.54
N PHE C 66 -15.74 -0.90 8.79
CA PHE C 66 -14.41 -1.21 8.29
C PHE C 66 -14.03 -2.64 8.69
N ASP C 67 -14.03 -2.89 9.99
CA ASP C 67 -13.65 -4.18 10.55
C ASP C 67 -14.58 -5.31 10.10
N VAL C 68 -15.83 -4.97 9.82
CA VAL C 68 -16.79 -5.95 9.33
C VAL C 68 -16.54 -6.24 7.85
N TRP C 69 -16.24 -5.18 7.10
CA TRP C 69 -15.85 -5.34 5.70
C TRP C 69 -14.59 -6.17 5.63
N GLY C 70 -13.67 -5.92 6.54
CA GLY C 70 -12.45 -6.70 6.65
C GLY C 70 -12.76 -8.18 6.77
N ALA C 71 -13.63 -8.53 7.72
CA ALA C 71 -13.97 -9.93 7.99
C ALA C 71 -14.59 -10.60 6.77
N ILE C 72 -15.32 -9.83 5.98
CA ILE C 72 -15.96 -10.36 4.77
C ILE C 72 -14.96 -10.51 3.63
N SER C 73 -14.09 -9.52 3.46
CA SER C 73 -13.08 -9.58 2.40
C SER C 73 -12.02 -10.62 2.74
N ASP C 74 -11.99 -11.06 4.00
CA ASP C 74 -11.08 -12.11 4.43
C ASP C 74 -11.40 -13.42 3.75
N MET C 75 -12.69 -13.64 3.52
CA MET C 75 -13.17 -14.85 2.84
C MET C 75 -12.55 -14.97 1.46
N LYS C 76 -12.33 -13.84 0.80
CA LYS C 76 -11.71 -13.80 -0.52
C LYS C 76 -10.26 -14.27 -0.46
N GLN C 77 -9.61 -14.02 0.68
CA GLN C 77 -8.20 -14.38 0.85
C GLN C 77 -8.03 -15.89 1.04
N ASP D 6 -17.67 13.22 20.34
CA ASP D 6 -18.39 12.14 19.65
C ASP D 6 -18.29 10.83 20.43
N LEU D 7 -19.43 10.17 20.61
CA LEU D 7 -19.49 8.95 21.40
C LEU D 7 -19.99 7.74 20.61
N SER D 8 -20.23 7.92 19.32
CA SER D 8 -20.66 6.82 18.48
C SER D 8 -19.48 5.87 18.22
N LYS D 9 -18.27 6.41 18.26
CA LYS D 9 -17.07 5.63 18.00
C LYS D 9 -16.60 4.89 19.24
N TRP D 10 -17.23 5.15 20.37
CA TRP D 10 -16.89 4.49 21.63
C TRP D 10 -17.25 3.02 21.59
N LYS D 11 -16.34 2.16 22.06
CA LYS D 11 -16.61 0.73 22.12
C LYS D 11 -17.59 0.46 23.25
N TYR D 12 -18.10 -0.76 23.34
CA TYR D 12 -19.09 -1.07 24.37
C TYR D 12 -18.47 -1.04 25.76
N ALA D 13 -17.35 -1.71 25.91
CA ALA D 13 -16.67 -1.82 27.21
C ALA D 13 -15.95 -0.53 27.61
N GLU D 14 -16.19 0.53 26.85
CA GLU D 14 -15.67 1.84 27.20
C GLU D 14 -16.76 2.66 27.86
N LEU D 15 -17.99 2.42 27.42
CA LEU D 15 -19.17 3.01 28.05
C LEU D 15 -19.45 2.28 29.34
N ARG D 16 -19.34 0.96 29.27
CA ARG D 16 -19.65 0.07 30.38
C ARG D 16 -18.63 0.21 31.51
N ASP D 17 -17.46 0.76 31.18
CA ASP D 17 -16.42 1.00 32.18
C ASP D 17 -16.50 2.43 32.72
N THR D 18 -17.21 3.29 31.99
CA THR D 18 -17.42 4.67 32.41
C THR D 18 -18.62 4.76 33.34
N ILE D 19 -19.70 4.09 32.97
CA ILE D 19 -20.91 4.07 33.77
C ILE D 19 -20.61 3.62 35.20
N ASN D 20 -19.65 2.71 35.33
CA ASN D 20 -19.34 2.12 36.62
C ASN D 20 -18.30 2.89 37.45
N THR D 21 -17.42 3.64 36.80
CA THR D 21 -16.30 4.23 37.55
C THR D 21 -16.26 5.76 37.55
N SER D 22 -17.00 6.39 36.64
CA SER D 22 -16.91 7.85 36.50
C SER D 22 -17.54 8.60 37.66
N CYS D 23 -17.38 9.92 37.63
CA CYS D 23 -17.96 10.80 38.64
C CYS D 23 -18.39 12.12 38.01
N ASP D 24 -18.39 12.17 36.68
CA ASP D 24 -18.82 13.35 35.94
C ASP D 24 -20.30 13.29 35.60
N ILE D 25 -21.01 14.38 35.82
CA ILE D 25 -22.44 14.44 35.59
C ILE D 25 -22.81 14.46 34.10
N GLU D 26 -22.15 15.36 33.35
CA GLU D 26 -22.43 15.52 31.93
C GLU D 26 -21.96 14.32 31.11
N LEU D 27 -20.84 13.74 31.52
CA LEU D 27 -20.26 12.59 30.84
C LEU D 27 -21.12 11.34 30.99
N LEU D 28 -21.63 11.13 32.20
CA LEU D 28 -22.43 9.96 32.50
C LEU D 28 -23.77 10.01 31.77
N ALA D 29 -24.32 11.21 31.63
CA ALA D 29 -25.61 11.40 30.98
C ALA D 29 -25.54 11.12 29.49
N ALA D 30 -24.33 11.08 28.95
CA ALA D 30 -24.13 10.78 27.54
C ALA D 30 -23.94 9.28 27.32
N CYS D 31 -23.22 8.65 28.22
CA CYS D 31 -22.96 7.21 28.14
C CYS D 31 -24.25 6.43 28.32
N ARG D 32 -25.06 6.85 29.28
CA ARG D 32 -26.34 6.22 29.56
C ARG D 32 -27.30 6.39 28.37
N GLU D 33 -27.23 7.55 27.72
CA GLU D 33 -28.05 7.81 26.55
C GLU D 33 -27.59 6.97 25.37
N GLU D 34 -26.27 6.89 25.19
CA GLU D 34 -25.68 6.15 24.08
C GLU D 34 -25.84 4.65 24.25
N PHE D 35 -25.61 4.18 25.48
CA PHE D 35 -25.79 2.76 25.80
C PHE D 35 -27.20 2.31 25.45
N HIS D 36 -28.18 3.10 25.85
CA HIS D 36 -29.56 2.81 25.53
C HIS D 36 -29.80 2.93 24.03
N ARG D 37 -29.18 3.95 23.43
CA ARG D 37 -29.35 4.25 22.01
C ARG D 37 -29.06 3.03 21.15
N ARG D 38 -27.93 2.37 21.40
CA ARG D 38 -27.56 1.19 20.64
C ARG D 38 -28.51 0.03 20.93
N LEU D 39 -28.86 -0.14 22.20
CA LEU D 39 -29.81 -1.19 22.58
C LEU D 39 -31.20 -0.90 22.04
N LYS D 40 -31.56 0.38 21.95
CA LYS D 40 -32.85 0.76 21.41
C LYS D 40 -32.97 0.33 19.96
N VAL D 41 -31.90 0.55 19.20
CA VAL D 41 -31.89 0.25 17.77
C VAL D 41 -31.84 -1.24 17.51
N TYR D 42 -31.06 -1.96 18.31
CA TYR D 42 -31.01 -3.42 18.19
C TYR D 42 -32.37 -4.04 18.45
N HIS D 43 -33.01 -3.62 19.54
CA HIS D 43 -34.33 -4.12 19.88
C HIS D 43 -35.30 -3.82 18.76
N ALA D 44 -35.13 -2.64 18.16
CA ALA D 44 -35.96 -2.21 17.03
C ALA D 44 -35.82 -3.15 15.84
N TRP D 45 -34.57 -3.43 15.47
CA TRP D 45 -34.28 -4.33 14.37
C TRP D 45 -34.76 -5.73 14.71
N LYS D 46 -34.40 -6.20 15.90
CA LYS D 46 -34.65 -7.59 16.29
C LYS D 46 -36.15 -7.88 16.35
N SER D 47 -36.93 -6.91 16.81
CA SER D 47 -38.37 -7.07 16.88
C SER D 47 -38.95 -7.28 15.48
N LYS D 48 -38.55 -6.41 14.56
CA LYS D 48 -39.00 -6.51 13.18
C LYS D 48 -38.54 -7.83 12.56
N ASN D 49 -37.30 -8.22 12.86
CA ASN D 49 -36.72 -9.43 12.29
C ASN D 49 -36.37 -10.46 13.37
N PRO E 2 -26.93 -20.61 46.24
CA PRO E 2 -27.38 -19.87 47.41
C PRO E 2 -26.31 -18.88 47.87
N HIS E 3 -25.06 -19.18 47.54
CA HIS E 3 -23.95 -18.27 47.85
C HIS E 3 -23.44 -17.64 46.56
N MET E 4 -23.01 -16.38 46.64
CA MET E 4 -22.66 -15.63 45.42
C MET E 4 -21.17 -15.28 45.31
N SER E 5 -20.74 -15.06 44.07
CA SER E 5 -19.40 -14.56 43.77
C SER E 5 -19.35 -13.05 43.92
N GLU E 6 -18.15 -12.49 44.09
CA GLU E 6 -17.99 -11.05 44.14
C GLU E 6 -18.62 -10.41 42.93
N ALA E 7 -18.43 -11.02 41.77
CA ALA E 7 -18.98 -10.49 40.53
C ALA E 7 -20.50 -10.50 40.57
N LYS E 8 -21.07 -11.67 40.89
CA LYS E 8 -22.53 -11.81 40.93
C LYS E 8 -23.16 -10.86 41.93
N ALA E 9 -22.63 -10.85 43.14
CA ALA E 9 -23.13 -9.99 44.20
C ALA E 9 -22.99 -8.52 43.82
N LYS E 10 -21.89 -8.17 43.15
CA LYS E 10 -21.70 -6.81 42.66
C LYS E 10 -22.83 -6.44 41.70
N ALA E 11 -23.12 -7.35 40.78
CA ALA E 11 -24.16 -7.12 39.79
C ALA E 11 -25.51 -6.95 40.47
N ILE E 12 -25.83 -7.88 41.37
CA ILE E 12 -27.14 -7.90 42.04
C ILE E 12 -27.37 -6.62 42.84
N GLY E 13 -26.31 -6.10 43.45
CA GLY E 13 -26.38 -4.83 44.15
C GLY E 13 -26.85 -3.72 43.24
N LYS E 14 -26.20 -3.61 42.08
CA LYS E 14 -26.57 -2.60 41.09
C LYS E 14 -27.96 -2.87 40.52
N VAL E 15 -28.44 -4.10 40.66
CA VAL E 15 -29.73 -4.49 40.11
C VAL E 15 -30.87 -3.95 40.96
N ASP E 16 -30.80 -4.17 42.28
CA ASP E 16 -31.85 -3.64 43.15
C ASP E 16 -31.62 -2.16 43.39
N ASP E 17 -30.47 -1.66 42.99
CA ASP E 17 -30.21 -0.22 42.99
C ASP E 17 -31.18 0.46 42.06
N LEU E 18 -31.40 -0.18 40.92
CA LEU E 18 -32.33 0.32 39.93
C LEU E 18 -33.76 0.13 40.41
N LEU E 19 -33.95 -0.82 41.31
CA LEU E 19 -35.26 -1.09 41.89
C LEU E 19 -35.69 0.01 42.86
N GLU E 20 -34.72 0.65 43.51
CA GLU E 20 -35.04 1.71 44.47
C GLU E 20 -35.25 3.02 43.74
N LEU E 21 -34.73 3.11 42.53
CA LEU E 21 -34.89 4.30 41.71
C LEU E 21 -36.18 4.21 40.91
N TYR E 22 -36.69 2.99 40.80
CA TYR E 22 -37.89 2.73 40.04
C TYR E 22 -39.13 2.60 40.94
N MET E 23 -38.97 1.90 42.06
CA MET E 23 -40.10 1.66 42.95
C MET E 23 -39.94 2.35 44.31
N GLY E 24 -38.71 2.66 44.68
CA GLY E 24 -38.41 3.14 46.02
C GLY E 24 -38.30 1.94 46.94
N ILE E 25 -38.43 0.76 46.35
CA ILE E 25 -38.33 -0.50 47.07
C ILE E 25 -37.00 -1.15 46.72
N ARG E 26 -36.52 -2.03 47.59
CA ARG E 26 -35.37 -2.87 47.25
C ARG E 26 -35.42 -4.17 48.02
N ASP E 27 -34.98 -5.25 47.38
CA ASP E 27 -34.76 -6.51 48.06
C ASP E 27 -33.92 -7.43 47.20
N ILE E 28 -32.94 -8.05 47.82
CA ILE E 28 -32.04 -8.96 47.13
C ILE E 28 -32.78 -10.25 46.77
N ASP E 29 -33.92 -10.47 47.39
CA ASP E 29 -34.74 -11.63 47.07
C ASP E 29 -35.22 -11.55 45.63
N LEU E 30 -35.53 -10.34 45.18
CA LEU E 30 -36.02 -10.13 43.82
C LEU E 30 -34.87 -9.83 42.86
N ALA E 31 -33.90 -9.04 43.32
CA ALA E 31 -32.77 -8.67 42.49
C ALA E 31 -32.01 -9.90 41.97
N THR E 32 -32.00 -10.96 42.78
CA THR E 32 -31.38 -12.21 42.38
C THR E 32 -32.17 -12.90 41.29
N THR E 33 -33.50 -12.92 41.45
CA THR E 33 -34.38 -13.57 40.49
C THR E 33 -34.21 -12.97 39.10
N MET E 34 -34.08 -11.65 39.04
CA MET E 34 -33.86 -10.96 37.77
C MET E 34 -32.49 -11.30 37.21
N PHE E 35 -31.53 -11.52 38.11
CA PHE E 35 -30.17 -11.80 37.70
C PHE E 35 -30.05 -13.16 37.02
N GLU E 36 -30.61 -14.20 37.63
CA GLU E 36 -30.47 -15.54 37.09
C GLU E 36 -31.34 -15.76 35.86
N ALA E 37 -32.06 -14.73 35.45
CA ALA E 37 -32.78 -14.76 34.20
C ALA E 37 -31.88 -14.23 33.08
N GLY E 38 -30.82 -13.54 33.46
CA GLY E 38 -29.97 -12.83 32.51
C GLY E 38 -28.61 -13.46 32.21
N LYS E 39 -28.15 -14.33 33.10
CA LYS E 39 -26.85 -14.97 32.91
C LYS E 39 -26.91 -16.06 31.85
N ASP E 40 -28.12 -16.41 31.42
CA ASP E 40 -28.32 -17.50 30.47
C ASP E 40 -28.54 -17.01 29.05
N LYS E 41 -29.04 -15.78 28.93
CA LYS E 41 -29.43 -15.26 27.63
C LYS E 41 -28.32 -14.43 26.99
N SER E 42 -28.34 -14.38 25.66
CA SER E 42 -27.28 -13.72 24.90
C SER E 42 -27.72 -12.34 24.39
N ASN E 43 -29.01 -12.05 24.50
CA ASN E 43 -29.54 -10.75 24.10
C ASN E 43 -30.72 -10.34 24.98
N PRO E 44 -30.88 -9.02 25.22
CA PRO E 44 -31.90 -8.50 26.13
C PRO E 44 -33.31 -8.79 25.66
N ASP E 45 -33.45 -9.21 24.40
CA ASP E 45 -34.72 -9.67 23.89
C ASP E 45 -35.11 -10.98 24.59
N GLU E 46 -34.19 -11.94 24.60
CA GLU E 46 -34.40 -13.21 25.29
C GLU E 46 -34.55 -12.98 26.79
N PHE E 47 -33.80 -12.01 27.30
CA PHE E 47 -33.75 -11.70 28.74
C PHE E 47 -35.09 -11.22 29.27
N ALA E 48 -35.74 -10.33 28.52
CA ALA E 48 -37.03 -9.78 28.94
C ALA E 48 -38.11 -10.86 28.98
N VAL E 49 -38.02 -11.82 28.06
CA VAL E 49 -38.96 -12.93 28.01
C VAL E 49 -38.88 -13.78 29.27
N ALA E 50 -37.66 -14.08 29.69
CA ALA E 50 -37.44 -14.85 30.92
C ALA E 50 -37.99 -14.07 32.10
N LEU E 51 -37.84 -12.76 32.06
CA LEU E 51 -38.36 -11.88 33.10
C LEU E 51 -39.89 -11.87 33.08
N ASP E 52 -40.46 -11.99 31.89
CA ASP E 52 -41.90 -11.98 31.69
C ASP E 52 -42.57 -13.18 32.36
N GLU E 53 -41.88 -14.31 32.36
CA GLU E 53 -42.44 -15.56 32.88
C GLU E 53 -42.72 -15.45 34.38
N THR E 54 -41.82 -14.80 35.10
CA THR E 54 -41.97 -14.64 36.55
C THR E 54 -42.54 -13.26 36.91
N LEU E 55 -42.02 -12.22 36.26
CA LEU E 55 -42.40 -10.86 36.56
C LEU E 55 -42.82 -10.09 35.31
N GLY E 56 -43.87 -10.57 34.64
CA GLY E 56 -44.31 -9.98 33.38
C GLY E 56 -45.36 -8.91 33.53
N ASP E 57 -46.04 -8.91 34.67
CA ASP E 57 -47.09 -7.94 34.93
C ASP E 57 -46.50 -6.56 35.27
N PHE E 58 -45.21 -6.55 35.64
CA PHE E 58 -44.52 -5.31 35.98
C PHE E 58 -44.46 -4.34 34.81
N ALA E 59 -44.30 -4.89 33.61
CA ALA E 59 -44.14 -4.09 32.40
C ALA E 59 -43.11 -2.99 32.63
N PHE E 60 -41.89 -3.43 32.97
CA PHE E 60 -40.77 -2.53 33.13
C PHE E 60 -40.55 -1.72 31.86
N PRO E 61 -40.21 -0.44 32.02
CA PRO E 61 -39.83 0.38 30.87
C PRO E 61 -38.62 -0.24 30.19
N ASP E 62 -38.53 -0.13 28.88
CA ASP E 62 -37.41 -0.70 28.13
C ASP E 62 -36.09 -0.19 28.69
N GLU E 63 -36.05 1.08 29.09
CA GLU E 63 -34.85 1.68 29.64
C GLU E 63 -34.38 0.99 30.92
N PHE E 64 -35.34 0.57 31.75
CA PHE E 64 -35.01 -0.12 32.98
C PHE E 64 -34.31 -1.44 32.70
N LEU E 65 -35.01 -2.36 32.04
CA LEU E 65 -34.49 -3.70 31.79
C LEU E 65 -33.23 -3.64 30.92
N PHE E 66 -33.01 -2.51 30.26
CA PHE E 66 -31.75 -2.29 29.55
C PHE E 66 -30.61 -2.07 30.54
N ASP E 67 -30.89 -1.31 31.60
CA ASP E 67 -29.89 -1.05 32.62
C ASP E 67 -29.60 -2.31 33.42
N VAL E 68 -30.65 -3.08 33.69
CA VAL E 68 -30.49 -4.35 34.40
C VAL E 68 -29.66 -5.31 33.57
N TRP E 69 -30.00 -5.45 32.29
CA TRP E 69 -29.23 -6.27 31.38
C TRP E 69 -27.81 -5.74 31.23
N GLY E 70 -27.66 -4.43 31.39
CA GLY E 70 -26.35 -3.83 31.42
C GLY E 70 -25.58 -4.32 32.62
N ALA E 71 -26.20 -4.27 33.79
CA ALA E 71 -25.56 -4.68 35.03
C ALA E 71 -25.29 -6.19 35.07
N ILE E 72 -26.23 -6.97 34.54
CA ILE E 72 -26.08 -8.42 34.51
C ILE E 72 -24.94 -8.83 33.60
N SER E 73 -24.81 -8.15 32.47
CA SER E 73 -23.79 -8.48 31.49
C SER E 73 -22.40 -7.98 31.88
N ASP E 74 -22.32 -7.24 32.97
CA ASP E 74 -21.04 -6.73 33.45
C ASP E 74 -20.18 -7.87 34.00
N MET E 75 -20.81 -9.03 34.17
CA MET E 75 -20.16 -10.19 34.74
C MET E 75 -19.14 -10.79 33.78
N LYS E 76 -19.54 -10.94 32.52
CA LYS E 76 -18.65 -11.50 31.50
C LYS E 76 -17.40 -10.64 31.32
N GLN E 77 -17.57 -9.33 31.40
CA GLN E 77 -16.45 -8.40 31.30
C GLN E 77 -15.75 -8.23 32.65
N ASP F 6 -47.45 8.71 28.94
CA ASP F 6 -46.96 7.43 29.46
C ASP F 6 -46.09 7.65 30.69
N LEU F 7 -46.43 6.97 31.78
CA LEU F 7 -45.73 7.17 33.04
C LEU F 7 -45.00 5.92 33.54
N SER F 8 -44.92 4.90 32.70
CA SER F 8 -44.18 3.70 33.05
C SER F 8 -42.69 3.99 32.98
N LYS F 9 -42.33 5.05 32.26
CA LYS F 9 -40.93 5.43 32.08
C LYS F 9 -40.50 6.54 33.03
N TRP F 10 -41.29 6.77 34.07
CA TRP F 10 -40.94 7.75 35.09
C TRP F 10 -40.28 7.07 36.28
N LYS F 11 -39.29 7.75 36.86
CA LYS F 11 -38.56 7.23 38.01
C LYS F 11 -39.42 7.33 39.26
N TYR F 12 -38.91 6.82 40.38
CA TYR F 12 -39.64 6.90 41.64
C TYR F 12 -39.61 8.31 42.19
N ALA F 13 -38.45 8.95 42.12
CA ALA F 13 -38.31 10.32 42.63
C ALA F 13 -39.13 11.30 41.82
N GLU F 14 -39.35 10.99 40.55
CA GLU F 14 -40.18 11.83 39.68
C GLU F 14 -41.63 11.75 40.12
N LEU F 15 -42.15 10.53 40.28
CA LEU F 15 -43.50 10.32 40.77
C LEU F 15 -43.66 10.88 42.18
N ARG F 16 -42.63 10.72 42.99
CA ARG F 16 -42.68 11.13 44.39
C ARG F 16 -42.69 12.64 44.55
N ASP F 17 -41.90 13.33 43.75
CA ASP F 17 -41.87 14.79 43.77
C ASP F 17 -43.17 15.34 43.19
N THR F 18 -43.77 14.59 42.27
CA THR F 18 -44.99 15.02 41.61
C THR F 18 -46.16 15.00 42.58
N ILE F 19 -46.43 13.83 43.15
CA ILE F 19 -47.56 13.67 44.07
C ILE F 19 -47.46 14.62 45.26
N ASN F 20 -46.22 14.89 45.67
CA ASN F 20 -45.95 15.71 46.85
C ASN F 20 -46.30 17.19 46.70
N THR F 21 -46.33 17.69 45.47
CA THR F 21 -46.48 19.13 45.25
C THR F 21 -47.46 19.55 44.15
N SER F 22 -47.86 18.61 43.29
CA SER F 22 -48.66 18.94 42.10
C SER F 22 -49.99 19.64 42.40
N CYS F 23 -50.45 20.43 41.43
CA CYS F 23 -51.73 21.13 41.53
C CYS F 23 -52.77 20.46 40.65
N ASP F 24 -52.33 20.02 39.47
CA ASP F 24 -53.23 19.40 38.50
C ASP F 24 -53.87 18.15 39.08
N ILE F 25 -55.20 18.18 39.23
CA ILE F 25 -55.92 17.06 39.81
C ILE F 25 -55.93 15.85 38.87
N GLU F 26 -55.96 16.11 37.56
CA GLU F 26 -55.91 15.03 36.57
C GLU F 26 -54.56 14.34 36.57
N LEU F 27 -53.51 15.14 36.76
CA LEU F 27 -52.14 14.64 36.82
C LEU F 27 -51.86 13.88 38.11
N LEU F 28 -52.29 14.46 39.22
CA LEU F 28 -52.15 13.87 40.53
C LEU F 28 -52.78 12.48 40.56
N ALA F 29 -53.89 12.33 39.85
CA ALA F 29 -54.61 11.07 39.78
C ALA F 29 -53.78 9.95 39.16
N ALA F 30 -53.12 10.27 38.05
CA ALA F 30 -52.35 9.28 37.30
C ALA F 30 -51.09 8.85 38.05
N CYS F 31 -50.31 9.83 38.49
CA CYS F 31 -49.07 9.57 39.22
C CYS F 31 -49.30 8.72 40.46
N ARG F 32 -50.32 9.07 41.23
CA ARG F 32 -50.64 8.33 42.44
C ARG F 32 -51.06 6.90 42.10
N GLU F 33 -51.55 6.71 40.88
CA GLU F 33 -52.00 5.39 40.46
C GLU F 33 -50.83 4.52 40.00
N GLU F 34 -49.91 5.12 39.24
CA GLU F 34 -48.70 4.43 38.84
C GLU F 34 -47.86 4.09 40.07
N PHE F 35 -47.83 5.01 41.02
CA PHE F 35 -47.15 4.82 42.29
C PHE F 35 -47.68 3.58 43.00
N HIS F 36 -48.99 3.33 42.86
CA HIS F 36 -49.60 2.17 43.49
C HIS F 36 -49.44 0.93 42.64
N ARG F 37 -49.41 1.12 41.32
CA ARG F 37 -49.31 -0.01 40.40
C ARG F 37 -48.00 -0.74 40.59
N ARG F 38 -46.92 0.01 40.84
CA ARG F 38 -45.60 -0.57 40.99
C ARG F 38 -45.48 -1.40 42.25
N LEU F 39 -46.22 -1.02 43.28
CA LEU F 39 -46.21 -1.74 44.54
C LEU F 39 -47.30 -2.81 44.57
N LYS F 40 -48.22 -2.74 43.60
CA LYS F 40 -49.31 -3.70 43.52
C LYS F 40 -48.87 -4.98 42.82
N VAL F 41 -47.92 -4.84 41.92
CA VAL F 41 -47.39 -5.99 41.21
C VAL F 41 -46.25 -6.61 42.01
N TYR F 42 -45.52 -5.76 42.73
CA TYR F 42 -44.47 -6.23 43.64
C TYR F 42 -45.07 -7.10 44.73
N HIS F 43 -46.20 -6.66 45.28
CA HIS F 43 -46.89 -7.40 46.33
C HIS F 43 -47.39 -8.74 45.80
N ALA F 44 -47.86 -8.73 44.54
CA ALA F 44 -48.34 -9.94 43.89
C ALA F 44 -47.26 -11.01 43.87
N TRP F 45 -46.07 -10.63 43.43
CA TRP F 45 -44.93 -11.53 43.38
C TRP F 45 -44.42 -11.86 44.78
N LYS F 46 -44.25 -10.84 45.61
CA LYS F 46 -43.62 -10.98 46.92
C LYS F 46 -44.36 -11.99 47.81
N SER F 47 -45.67 -11.79 47.98
CA SER F 47 -46.45 -12.68 48.83
C SER F 47 -46.69 -14.03 48.15
N LYS F 48 -46.25 -14.14 46.91
CA LYS F 48 -46.28 -15.40 46.19
C LYS F 48 -44.90 -16.07 46.24
N ASN F 49 -43.88 -15.28 46.56
CA ASN F 49 -42.52 -15.79 46.67
C ASN F 49 -41.79 -15.25 47.90
N SER G 5 23.56 24.61 -30.38
CA SER G 5 22.82 24.13 -29.21
C SER G 5 21.95 22.93 -29.56
N GLU G 6 21.86 22.62 -30.86
CA GLU G 6 21.05 21.50 -31.32
C GLU G 6 21.84 20.19 -31.35
N ALA G 7 23.17 20.30 -31.20
CA ALA G 7 24.03 19.13 -31.15
C ALA G 7 24.03 18.59 -29.72
N LYS G 8 23.97 19.50 -28.76
CA LYS G 8 23.89 19.14 -27.35
C LYS G 8 22.47 18.67 -27.02
N ALA G 9 21.51 19.21 -27.76
CA ALA G 9 20.11 18.83 -27.61
C ALA G 9 19.86 17.42 -28.16
N LYS G 10 20.32 17.18 -29.38
CA LYS G 10 20.15 15.88 -30.01
C LYS G 10 20.96 14.82 -29.27
N ALA G 11 22.05 15.25 -28.63
CA ALA G 11 22.88 14.37 -27.83
C ALA G 11 22.07 13.80 -26.68
N ILE G 12 21.61 14.67 -25.79
CA ILE G 12 20.76 14.28 -24.67
C ILE G 12 19.50 13.59 -25.20
N GLY G 13 19.08 13.97 -26.40
CA GLY G 13 17.95 13.34 -27.07
C GLY G 13 18.01 11.82 -27.10
N LYS G 14 19.14 11.28 -27.54
CA LYS G 14 19.31 9.83 -27.57
C LYS G 14 20.00 9.32 -26.30
N VAL G 15 20.29 10.24 -25.37
CA VAL G 15 20.81 9.85 -24.06
C VAL G 15 19.68 9.36 -23.17
N ASP G 16 18.65 10.20 -23.02
CA ASP G 16 17.53 9.82 -22.18
C ASP G 16 16.61 8.85 -22.91
N ASP G 17 16.82 8.71 -24.21
CA ASP G 17 16.14 7.68 -24.98
C ASP G 17 16.57 6.31 -24.46
N LEU G 18 17.85 6.22 -24.09
CA LEU G 18 18.39 5.01 -23.47
C LEU G 18 17.76 4.78 -22.11
N LEU G 19 17.45 5.87 -21.42
CA LEU G 19 16.81 5.79 -20.11
C LEU G 19 15.44 5.12 -20.21
N GLU G 20 14.67 5.50 -21.22
CA GLU G 20 13.33 4.96 -21.40
C GLU G 20 13.38 3.51 -21.86
N LEU G 21 14.55 3.08 -22.30
CA LEU G 21 14.76 1.70 -22.72
C LEU G 21 15.31 0.86 -21.56
N TYR G 22 15.88 1.53 -20.58
CA TYR G 22 16.50 0.86 -19.45
C TYR G 22 15.64 0.91 -18.20
N MET G 23 14.88 2.00 -18.07
CA MET G 23 14.22 2.32 -16.82
C MET G 23 12.74 2.61 -16.96
N GLY G 24 12.31 2.87 -18.19
CA GLY G 24 10.92 3.22 -18.45
C GLY G 24 10.63 4.66 -18.11
N ILE G 25 11.66 5.39 -17.69
CA ILE G 25 11.52 6.80 -17.32
C ILE G 25 12.23 7.70 -18.31
N ARG G 26 12.06 9.00 -18.13
CA ARG G 26 12.71 9.98 -18.98
C ARG G 26 12.63 11.38 -18.39
N ASP G 27 13.76 12.07 -18.34
CA ASP G 27 13.80 13.46 -17.92
C ASP G 27 15.10 14.11 -18.35
N ILE G 28 15.03 15.38 -18.72
CA ILE G 28 16.20 16.12 -19.17
C ILE G 28 17.20 16.31 -18.03
N ASP G 29 16.68 16.38 -16.81
CA ASP G 29 17.51 16.61 -15.63
C ASP G 29 18.60 15.55 -15.47
N LEU G 30 18.19 14.29 -15.38
CA LEU G 30 19.14 13.21 -15.17
C LEU G 30 20.06 13.04 -16.37
N ALA G 31 19.49 13.16 -17.57
CA ALA G 31 20.26 12.97 -18.79
C ALA G 31 21.31 14.06 -18.96
N THR G 32 21.03 15.23 -18.41
CA THR G 32 21.99 16.32 -18.44
C THR G 32 23.19 16.02 -17.56
N THR G 33 22.92 15.43 -16.39
CA THR G 33 23.97 15.06 -15.44
C THR G 33 24.91 14.03 -16.07
N MET G 34 24.34 13.05 -16.74
CA MET G 34 25.13 12.00 -17.37
C MET G 34 25.97 12.54 -18.51
N PHE G 35 25.36 13.34 -19.37
CA PHE G 35 26.05 13.92 -20.51
C PHE G 35 27.16 14.85 -20.10
N GLU G 36 26.89 15.65 -19.06
CA GLU G 36 27.85 16.67 -18.64
C GLU G 36 29.14 16.04 -18.10
N ALA G 37 29.01 14.89 -17.47
CA ALA G 37 30.16 14.19 -16.90
C ALA G 37 30.98 13.49 -17.97
N GLY G 38 30.48 13.47 -19.20
CA GLY G 38 31.13 12.75 -20.28
C GLY G 38 31.54 13.60 -21.46
N LYS G 39 31.38 14.91 -21.33
CA LYS G 39 31.76 15.83 -22.39
C LYS G 39 33.26 16.15 -22.29
N ASP G 40 33.88 15.68 -21.21
CA ASP G 40 35.30 15.93 -20.95
C ASP G 40 36.13 14.69 -21.18
N LYS G 41 35.60 13.55 -20.75
CA LYS G 41 36.31 12.28 -20.77
C LYS G 41 36.49 11.80 -22.22
N SER G 42 37.59 11.11 -22.47
CA SER G 42 37.88 10.59 -23.82
C SER G 42 37.81 9.08 -23.84
N ASN G 43 37.15 8.51 -22.83
CA ASN G 43 37.00 7.06 -22.72
C ASN G 43 35.79 6.73 -21.86
N PRO G 44 35.18 5.55 -22.08
CA PRO G 44 34.05 5.12 -21.26
C PRO G 44 34.45 4.64 -19.88
N ASP G 45 35.71 4.81 -19.51
CA ASP G 45 36.14 4.45 -18.17
C ASP G 45 36.10 5.67 -17.26
N GLU G 46 36.68 6.78 -17.70
CA GLU G 46 36.60 8.04 -16.97
C GLU G 46 35.15 8.48 -16.81
N PHE G 47 34.36 8.24 -17.86
CA PHE G 47 32.96 8.62 -17.88
C PHE G 47 32.16 7.85 -16.84
N ALA G 48 32.51 6.59 -16.64
CA ALA G 48 31.81 5.76 -15.67
C ALA G 48 32.32 6.00 -14.25
N VAL G 49 33.55 6.48 -14.13
CA VAL G 49 34.09 6.86 -12.83
C VAL G 49 33.39 8.12 -12.33
N ALA G 50 33.21 9.08 -13.23
CA ALA G 50 32.56 10.35 -12.90
C ALA G 50 31.07 10.14 -12.65
N LEU G 51 30.53 9.04 -13.16
CA LEU G 51 29.13 8.70 -12.98
C LEU G 51 28.87 8.07 -11.63
N ASP G 52 29.82 7.27 -11.16
CA ASP G 52 29.66 6.57 -9.89
C ASP G 52 29.64 7.55 -8.72
N GLU G 53 30.08 8.77 -8.98
CA GLU G 53 30.11 9.82 -7.95
C GLU G 53 28.72 10.32 -7.61
N THR G 54 27.87 10.49 -8.63
CA THR G 54 26.54 11.03 -8.43
C THR G 54 25.45 9.96 -8.61
N LEU G 55 25.64 9.09 -9.59
CA LEU G 55 24.68 8.02 -9.88
C LEU G 55 25.34 6.66 -9.79
N GLY G 56 25.99 6.39 -8.65
CA GLY G 56 26.77 5.17 -8.49
C GLY G 56 25.97 3.98 -8.00
N ASP G 57 24.89 4.25 -7.28
CA ASP G 57 24.10 3.18 -6.69
C ASP G 57 23.17 2.54 -7.73
N PHE G 58 23.25 3.03 -8.95
CA PHE G 58 22.41 2.53 -10.04
C PHE G 58 22.88 1.17 -10.52
N ALA G 59 24.18 0.95 -10.41
CA ALA G 59 24.82 -0.27 -10.92
C ALA G 59 24.47 -0.48 -12.39
N PHE G 60 24.75 0.53 -13.20
CA PHE G 60 24.50 0.49 -14.63
C PHE G 60 25.15 -0.70 -15.32
N PRO G 61 24.39 -1.32 -16.23
CA PRO G 61 25.01 -2.33 -17.07
C PRO G 61 26.08 -1.67 -17.93
N ASP G 62 27.16 -2.40 -18.23
CA ASP G 62 28.23 -1.84 -19.04
C ASP G 62 27.69 -1.35 -20.37
N GLU G 63 26.85 -2.17 -21.01
CA GLU G 63 26.29 -1.84 -22.32
C GLU G 63 25.53 -0.51 -22.31
N PHE G 64 25.09 -0.10 -21.13
CA PHE G 64 24.39 1.18 -21.01
C PHE G 64 25.37 2.34 -21.08
N LEU G 65 26.29 2.39 -20.11
CA LEU G 65 27.25 3.50 -20.04
C LEU G 65 28.09 3.56 -21.29
N PHE G 66 28.23 2.43 -21.98
CA PHE G 66 28.85 2.43 -23.30
C PHE G 66 28.00 3.26 -24.26
N ASP G 67 26.70 2.96 -24.29
CA ASP G 67 25.79 3.63 -25.20
C ASP G 67 25.74 5.13 -24.93
N VAL G 68 25.65 5.49 -23.66
CA VAL G 68 25.61 6.88 -23.26
C VAL G 68 26.89 7.59 -23.64
N TRP G 69 28.03 6.97 -23.32
CA TRP G 69 29.32 7.46 -23.74
C TRP G 69 29.40 7.53 -25.26
N GLY G 70 28.82 6.52 -25.91
CA GLY G 70 28.70 6.51 -27.35
C GLY G 70 27.85 7.68 -27.81
N ALA G 71 26.72 7.88 -27.14
CA ALA G 71 25.80 8.98 -27.47
C ALA G 71 26.46 10.35 -27.31
N ILE G 72 27.48 10.41 -26.46
CA ILE G 72 28.21 11.65 -26.26
C ILE G 72 29.36 11.77 -27.27
N SER G 73 30.00 10.65 -27.58
CA SER G 73 31.07 10.65 -28.57
C SER G 73 30.53 10.82 -30.00
N ASP G 74 29.21 10.90 -30.12
CA ASP G 74 28.56 11.24 -31.38
C ASP G 74 28.77 12.70 -31.69
N MET G 75 29.03 13.48 -30.63
CA MET G 75 29.19 14.91 -30.75
C MET G 75 30.58 15.28 -31.27
N LYS G 76 31.50 14.33 -31.18
CA LYS G 76 32.87 14.54 -31.64
C LYS G 76 32.92 14.75 -33.16
N GLN G 77 32.20 13.93 -33.89
CA GLN G 77 32.14 14.06 -35.35
C GLN G 77 30.90 13.39 -35.93
N HIS H 5 20.57 -13.68 -17.60
CA HIS H 5 20.44 -14.55 -16.44
C HIS H 5 20.69 -13.80 -15.14
N ASP H 6 21.37 -12.66 -15.26
CA ASP H 6 21.52 -11.72 -14.15
C ASP H 6 20.59 -10.54 -14.40
N LEU H 7 19.58 -10.41 -13.56
CA LEU H 7 18.47 -9.50 -13.85
C LEU H 7 18.82 -8.03 -13.88
N SER H 8 20.04 -7.67 -13.49
CA SER H 8 20.43 -6.27 -13.47
C SER H 8 20.79 -5.79 -14.86
N LYS H 9 20.90 -6.73 -15.80
CA LYS H 9 21.35 -6.42 -17.14
C LYS H 9 20.27 -6.65 -18.20
N TRP H 10 19.05 -6.99 -17.76
CA TRP H 10 17.92 -7.14 -18.67
C TRP H 10 17.46 -5.81 -19.25
N LYS H 11 16.93 -5.85 -20.46
CA LYS H 11 16.28 -4.69 -21.03
C LYS H 11 15.02 -4.42 -20.22
N TYR H 12 14.55 -3.17 -20.23
CA TYR H 12 13.34 -2.84 -19.48
C TYR H 12 12.18 -3.67 -19.99
N ALA H 13 12.02 -3.72 -21.31
CA ALA H 13 10.91 -4.43 -21.92
C ALA H 13 10.91 -5.92 -21.58
N GLU H 14 12.09 -6.50 -21.42
CA GLU H 14 12.18 -7.92 -21.09
C GLU H 14 11.60 -8.18 -19.72
N LEU H 15 11.84 -7.24 -18.80
CA LEU H 15 11.28 -7.30 -17.45
C LEU H 15 9.78 -7.09 -17.48
N ARG H 16 9.38 -5.98 -18.08
CA ARG H 16 7.99 -5.59 -18.19
C ARG H 16 7.11 -6.69 -18.79
N ASP H 17 7.56 -7.26 -19.91
CA ASP H 17 6.82 -8.34 -20.54
C ASP H 17 6.72 -9.55 -19.61
N THR H 18 7.82 -9.89 -18.96
CA THR H 18 7.86 -11.03 -18.05
C THR H 18 6.90 -10.84 -16.88
N ILE H 19 6.88 -9.63 -16.34
CA ILE H 19 5.98 -9.31 -15.23
C ILE H 19 4.52 -9.40 -15.65
N ASN H 20 4.25 -9.07 -16.91
CA ASN H 20 2.89 -9.04 -17.44
C ASN H 20 2.46 -10.30 -18.17
N THR H 21 3.38 -11.25 -18.34
CA THR H 21 3.06 -12.47 -19.11
C THR H 21 3.39 -13.77 -18.38
N SER H 22 4.59 -13.84 -17.81
CA SER H 22 5.07 -15.10 -17.22
C SER H 22 4.26 -15.56 -16.01
N CYS H 23 4.55 -16.77 -15.56
CA CYS H 23 3.83 -17.38 -14.44
C CYS H 23 4.78 -18.11 -13.49
N ASP H 24 6.07 -18.05 -13.77
CA ASP H 24 7.06 -18.63 -12.86
C ASP H 24 7.15 -17.74 -11.63
N ILE H 25 6.46 -18.13 -10.56
CA ILE H 25 6.33 -17.28 -9.37
C ILE H 25 7.67 -16.77 -8.88
N GLU H 26 8.66 -17.66 -8.83
CA GLU H 26 10.01 -17.26 -8.45
C GLU H 26 10.55 -16.17 -9.38
N LEU H 27 10.64 -16.50 -10.67
CA LEU H 27 11.13 -15.57 -11.67
C LEU H 27 10.33 -14.28 -11.68
N LEU H 28 9.02 -14.42 -11.54
CA LEU H 28 8.11 -13.28 -11.57
C LEU H 28 8.44 -12.28 -10.47
N ALA H 29 8.44 -12.76 -9.23
CA ALA H 29 8.75 -11.94 -8.07
C ALA H 29 10.17 -11.42 -8.13
N ALA H 30 11.05 -12.18 -8.78
CA ALA H 30 12.44 -11.78 -8.95
C ALA H 30 12.52 -10.57 -9.88
N CYS H 31 11.62 -10.53 -10.85
CA CYS H 31 11.54 -9.42 -11.79
C CYS H 31 11.01 -8.16 -11.11
N ARG H 32 9.90 -8.32 -10.39
CA ARG H 32 9.26 -7.23 -9.66
C ARG H 32 10.25 -6.50 -8.75
N GLU H 33 11.18 -7.25 -8.18
CA GLU H 33 12.19 -6.67 -7.31
C GLU H 33 13.16 -5.82 -8.12
N GLU H 34 13.56 -6.33 -9.28
CA GLU H 34 14.51 -5.63 -10.11
C GLU H 34 13.87 -4.41 -10.75
N PHE H 35 12.60 -4.54 -11.15
CA PHE H 35 11.83 -3.43 -11.68
C PHE H 35 11.77 -2.29 -10.67
N HIS H 36 11.53 -2.66 -9.41
CA HIS H 36 11.45 -1.71 -8.32
C HIS H 36 12.80 -1.06 -8.04
N ARG H 37 13.85 -1.87 -8.08
CA ARG H 37 15.20 -1.40 -7.75
C ARG H 37 15.65 -0.23 -8.62
N ARG H 38 15.38 -0.32 -9.92
CA ARG H 38 15.82 0.72 -10.85
C ARG H 38 15.08 2.04 -10.62
N LEU H 39 13.81 1.95 -10.23
CA LEU H 39 13.03 3.14 -9.93
C LEU H 39 13.37 3.67 -8.53
N LYS H 40 13.71 2.74 -7.64
CA LYS H 40 14.07 3.07 -6.27
C LYS H 40 15.28 4.01 -6.20
N VAL H 41 16.31 3.69 -6.99
CA VAL H 41 17.54 4.48 -7.01
C VAL H 41 17.32 5.82 -7.69
N TYR H 42 16.45 5.84 -8.69
CA TYR H 42 16.11 7.08 -9.39
C TYR H 42 15.40 8.03 -8.45
N HIS H 43 14.31 7.56 -7.86
CA HIS H 43 13.51 8.36 -6.95
C HIS H 43 14.34 8.91 -5.81
N ALA H 44 15.27 8.10 -5.30
CA ALA H 44 16.14 8.50 -4.22
C ALA H 44 17.17 9.51 -4.71
N TRP H 45 17.54 9.41 -5.98
CA TRP H 45 18.49 10.35 -6.57
C TRP H 45 17.82 11.71 -6.77
N LYS H 46 16.54 11.69 -7.13
CA LYS H 46 15.79 12.92 -7.42
C LYS H 46 15.49 13.71 -6.15
N SER H 47 15.54 13.03 -5.00
CA SER H 47 15.39 13.71 -3.71
C SER H 47 16.61 14.56 -3.43
N LYS H 48 17.80 13.99 -3.67
CA LYS H 48 19.04 14.74 -3.50
C LYS H 48 19.29 15.67 -4.68
N ASN H 49 18.36 15.70 -5.63
CA ASN H 49 18.47 16.55 -6.81
C ASN H 49 17.14 17.19 -7.17
N SER I 5 61.83 11.20 -28.74
CA SER I 5 61.51 12.55 -28.29
C SER I 5 60.20 13.04 -28.88
N GLU I 6 60.26 14.13 -29.63
CA GLU I 6 59.12 14.60 -30.39
C GLU I 6 58.77 13.57 -31.46
N ALA I 7 59.78 12.80 -31.86
CA ALA I 7 59.59 11.65 -32.72
C ALA I 7 58.65 10.66 -32.04
N LYS I 8 59.04 10.23 -30.84
CA LYS I 8 58.21 9.34 -30.03
C LYS I 8 56.85 9.95 -29.76
N ALA I 9 56.81 11.27 -29.62
CA ALA I 9 55.56 11.99 -29.41
C ALA I 9 54.66 11.92 -30.65
N LYS I 10 55.20 12.34 -31.78
CA LYS I 10 54.45 12.31 -33.04
C LYS I 10 54.07 10.88 -33.41
N ALA I 11 54.96 9.94 -33.08
CA ALA I 11 54.72 8.52 -33.33
C ALA I 11 53.52 8.02 -32.54
N ILE I 12 53.56 8.21 -31.22
CA ILE I 12 52.42 7.87 -30.36
C ILE I 12 51.23 8.74 -30.72
N GLY I 13 51.53 9.99 -31.13
CA GLY I 13 50.50 10.89 -31.59
C GLY I 13 49.77 10.35 -32.81
N LYS I 14 50.53 9.76 -33.73
CA LYS I 14 49.95 9.16 -34.92
C LYS I 14 49.29 7.81 -34.61
N VAL I 15 49.59 7.26 -33.44
CA VAL I 15 49.06 5.95 -33.06
C VAL I 15 47.64 6.03 -32.51
N ASP I 16 47.43 6.92 -31.54
CA ASP I 16 46.11 7.00 -30.90
C ASP I 16 45.09 7.63 -31.84
N ASP I 17 45.57 8.31 -32.86
CA ASP I 17 44.70 8.79 -33.93
C ASP I 17 43.99 7.60 -34.56
N LEU I 18 44.72 6.51 -34.70
CA LEU I 18 44.18 5.29 -35.29
C LEU I 18 43.19 4.63 -34.33
N LEU I 19 43.46 4.79 -33.04
CA LEU I 19 42.58 4.25 -31.99
C LEU I 19 41.23 4.93 -32.00
N GLU I 20 41.24 6.24 -32.24
CA GLU I 20 40.02 7.04 -32.22
C GLU I 20 39.13 6.75 -33.42
N LEU I 21 39.75 6.28 -34.50
CA LEU I 21 39.02 5.92 -35.72
C LEU I 21 38.46 4.51 -35.60
N TYR I 22 38.85 3.82 -34.55
CA TYR I 22 38.41 2.46 -34.30
C TYR I 22 37.20 2.41 -33.37
N MET I 23 37.34 3.06 -32.21
CA MET I 23 36.37 2.92 -31.14
C MET I 23 35.81 4.26 -30.66
N GLY I 24 36.52 5.35 -30.98
CA GLY I 24 36.15 6.66 -30.48
C GLY I 24 36.80 6.93 -29.14
N ILE I 25 37.67 6.01 -28.73
CA ILE I 25 38.39 6.12 -27.48
C ILE I 25 39.78 6.72 -27.74
N ARG I 26 40.40 7.26 -26.70
CA ARG I 26 41.72 7.86 -26.86
C ARG I 26 42.44 8.03 -25.52
N ASP I 27 43.54 7.29 -25.35
CA ASP I 27 44.40 7.47 -24.18
C ASP I 27 45.85 7.12 -24.51
N ILE I 28 46.76 7.86 -23.91
CA ILE I 28 48.19 7.68 -24.16
C ILE I 28 48.71 6.40 -23.52
N ASP I 29 48.12 6.03 -22.38
CA ASP I 29 48.54 4.82 -21.66
C ASP I 29 48.37 3.57 -22.50
N LEU I 30 47.31 3.52 -23.32
CA LEU I 30 47.10 2.38 -24.20
C LEU I 30 48.08 2.41 -25.37
N ALA I 31 48.19 3.58 -26.00
CA ALA I 31 49.05 3.75 -27.17
C ALA I 31 50.50 3.41 -26.86
N THR I 32 51.03 3.99 -25.80
CA THR I 32 52.41 3.76 -25.38
C THR I 32 52.69 2.28 -25.19
N THR I 33 51.70 1.55 -24.67
CA THR I 33 51.84 0.11 -24.48
C THR I 33 52.16 -0.57 -25.81
N MET I 34 51.38 -0.25 -26.83
CA MET I 34 51.57 -0.85 -28.15
C MET I 34 52.85 -0.37 -28.82
N PHE I 35 53.14 0.92 -28.70
CA PHE I 35 54.31 1.51 -29.32
C PHE I 35 55.60 0.86 -28.85
N GLU I 36 55.64 0.50 -27.57
CA GLU I 36 56.83 -0.12 -27.00
C GLU I 36 56.82 -1.63 -27.19
N ALA I 37 55.77 -2.12 -27.86
CA ALA I 37 55.69 -3.52 -28.25
C ALA I 37 56.06 -3.67 -29.72
N GLY I 38 56.34 -2.54 -30.37
CA GLY I 38 56.65 -2.53 -31.79
C GLY I 38 58.05 -2.05 -32.11
N LYS I 39 58.54 -1.10 -31.32
CA LYS I 39 59.87 -0.52 -31.55
C LYS I 39 60.98 -1.52 -31.24
N ASP I 40 60.59 -2.75 -30.91
CA ASP I 40 61.54 -3.80 -30.56
C ASP I 40 61.68 -4.80 -31.69
N LYS I 41 60.69 -4.84 -32.57
CA LYS I 41 60.62 -5.85 -33.62
C LYS I 41 61.17 -5.35 -34.96
N SER I 42 61.05 -6.18 -35.99
CA SER I 42 61.55 -5.82 -37.32
C SER I 42 60.53 -6.15 -38.41
N ASN I 43 59.36 -6.64 -37.98
CA ASN I 43 58.27 -6.93 -38.90
C ASN I 43 56.92 -6.79 -38.19
N PRO I 44 55.83 -6.61 -38.96
CA PRO I 44 54.50 -6.45 -38.36
C PRO I 44 53.84 -7.78 -37.99
N ASP I 45 54.59 -8.88 -38.05
CA ASP I 45 54.05 -10.17 -37.62
C ASP I 45 54.42 -10.41 -36.16
N GLU I 46 55.69 -10.21 -35.82
CA GLU I 46 56.15 -10.27 -34.43
C GLU I 46 55.46 -9.19 -33.59
N PHE I 47 55.02 -8.13 -34.27
CA PHE I 47 54.33 -7.03 -33.61
C PHE I 47 52.96 -7.47 -33.07
N ALA I 48 52.19 -8.14 -33.90
CA ALA I 48 50.86 -8.63 -33.50
C ALA I 48 50.97 -9.77 -32.52
N VAL I 49 52.05 -10.54 -32.65
CA VAL I 49 52.34 -11.64 -31.74
C VAL I 49 52.68 -11.10 -30.35
N ALA I 50 53.59 -10.12 -30.31
CA ALA I 50 53.95 -9.45 -29.05
C ALA I 50 52.74 -8.75 -28.44
N LEU I 51 51.85 -8.24 -29.29
CA LEU I 51 50.63 -7.59 -28.83
C LEU I 51 49.70 -8.58 -28.16
N ASP I 52 49.70 -9.81 -28.66
CA ASP I 52 48.79 -10.84 -28.17
C ASP I 52 49.02 -11.13 -26.69
N GLU I 53 50.21 -10.84 -26.20
CA GLU I 53 50.54 -10.98 -24.79
C GLU I 53 49.71 -10.02 -23.93
N THR I 54 49.89 -8.72 -24.17
CA THR I 54 49.21 -7.71 -23.37
C THR I 54 47.80 -7.39 -23.89
N LEU I 55 47.68 -7.20 -25.20
CA LEU I 55 46.39 -6.89 -25.80
C LEU I 55 46.12 -7.81 -26.98
N GLY I 56 45.64 -9.01 -26.71
CA GLY I 56 45.35 -9.97 -27.75
C GLY I 56 43.87 -10.27 -27.89
N ASP I 57 43.08 -9.87 -26.89
CA ASP I 57 41.66 -10.17 -26.86
C ASP I 57 40.84 -9.22 -27.72
N PHE I 58 41.52 -8.36 -28.47
CA PHE I 58 40.85 -7.36 -29.29
C PHE I 58 40.46 -7.86 -30.67
N ALA I 59 41.27 -8.75 -31.22
CA ALA I 59 41.12 -9.23 -32.59
C ALA I 59 41.05 -8.08 -33.58
N PHE I 60 42.13 -7.31 -33.65
CA PHE I 60 42.23 -6.17 -34.56
C PHE I 60 42.09 -6.61 -36.02
N PRO I 61 41.51 -5.75 -36.86
CA PRO I 61 41.61 -5.96 -38.31
C PRO I 61 43.07 -5.88 -38.73
N ASP I 62 43.52 -6.77 -39.62
CA ASP I 62 44.94 -6.83 -39.96
C ASP I 62 45.46 -5.51 -40.54
N GLU I 63 44.56 -4.71 -41.10
CA GLU I 63 44.95 -3.40 -41.63
C GLU I 63 45.37 -2.43 -40.53
N PHE I 64 44.75 -2.57 -39.36
CA PHE I 64 44.99 -1.68 -38.23
C PHE I 64 46.44 -1.75 -37.75
N LEU I 65 46.87 -2.96 -37.40
CA LEU I 65 48.21 -3.17 -36.88
C LEU I 65 49.28 -2.80 -37.91
N PHE I 66 48.94 -2.89 -39.20
CA PHE I 66 49.83 -2.40 -40.26
C PHE I 66 50.12 -0.93 -40.05
N ASP I 67 49.05 -0.17 -39.84
CA ASP I 67 49.11 1.27 -39.69
C ASP I 67 49.91 1.68 -38.46
N VAL I 68 49.67 1.02 -37.35
CA VAL I 68 50.40 1.30 -36.13
C VAL I 68 51.88 0.98 -36.33
N TRP I 69 52.15 -0.20 -36.90
CA TRP I 69 53.52 -0.63 -37.20
C TRP I 69 54.18 0.37 -38.13
N GLY I 70 53.37 0.97 -39.01
CA GLY I 70 53.84 2.03 -39.86
C GLY I 70 54.32 3.22 -39.04
N ALA I 71 53.40 3.80 -38.26
CA ALA I 71 53.70 5.01 -37.50
C ALA I 71 54.84 4.78 -36.50
N ILE I 72 55.03 3.53 -36.12
CA ILE I 72 56.14 3.18 -35.24
C ILE I 72 57.46 3.17 -36.01
N SER I 73 57.51 2.39 -37.08
CA SER I 73 58.72 2.29 -37.91
C SER I 73 59.05 3.62 -38.58
N ASP I 74 58.13 4.56 -38.51
CA ASP I 74 58.33 5.89 -39.09
C ASP I 74 59.36 6.68 -38.28
N MET I 75 59.76 6.13 -37.13
CA MET I 75 60.79 6.73 -36.31
C MET I 75 62.18 6.44 -36.89
N LYS I 76 62.29 5.36 -37.65
CA LYS I 76 63.56 4.95 -38.24
C LYS I 76 63.95 5.84 -39.42
N GLN I 77 62.96 6.45 -40.06
CA GLN I 77 63.22 7.30 -41.21
C GLN I 77 63.16 8.77 -40.85
N ASP J 6 30.44 -9.51 -42.73
CA ASP J 6 31.73 -9.04 -42.23
C ASP J 6 31.61 -7.65 -41.62
N LEU J 7 31.24 -7.59 -40.34
CA LEU J 7 31.11 -6.32 -39.65
C LEU J 7 32.33 -6.04 -38.78
N SER J 8 33.26 -6.98 -38.77
CA SER J 8 34.47 -6.87 -37.96
C SER J 8 35.48 -5.87 -38.53
N LYS J 9 35.37 -5.61 -39.83
CA LYS J 9 36.25 -4.66 -40.49
C LYS J 9 35.52 -3.35 -40.80
N TRP J 10 34.80 -2.84 -39.82
CA TRP J 10 34.07 -1.59 -39.97
C TRP J 10 34.71 -0.45 -39.18
N LYS J 11 34.78 0.73 -39.78
CA LYS J 11 35.34 1.90 -39.10
C LYS J 11 34.34 2.43 -38.08
N TYR J 12 34.76 3.38 -37.24
CA TYR J 12 33.89 3.91 -36.19
C TYR J 12 32.69 4.67 -36.77
N ALA J 13 32.97 5.64 -37.64
CA ALA J 13 31.92 6.43 -38.27
C ALA J 13 30.95 5.54 -39.03
N GLU J 14 31.47 4.49 -39.64
CA GLU J 14 30.62 3.53 -40.36
C GLU J 14 29.73 2.75 -39.40
N LEU J 15 30.24 2.48 -38.21
CA LEU J 15 29.45 1.82 -37.18
C LEU J 15 28.48 2.80 -36.53
N ARG J 16 29.01 3.93 -36.08
CA ARG J 16 28.24 4.88 -35.30
C ARG J 16 27.10 5.53 -36.09
N ASP J 17 27.37 5.91 -37.34
CA ASP J 17 26.34 6.50 -38.18
C ASP J 17 25.25 5.51 -38.54
N THR J 18 25.62 4.23 -38.61
CA THR J 18 24.67 3.17 -38.90
C THR J 18 23.65 3.05 -37.78
N ILE J 19 24.14 2.89 -36.55
CA ILE J 19 23.26 2.77 -35.39
C ILE J 19 22.42 4.02 -35.25
N ASN J 20 22.91 5.13 -35.78
CA ASN J 20 22.25 6.42 -35.64
C ASN J 20 21.18 6.70 -36.69
N THR J 21 21.13 5.91 -37.77
CA THR J 21 20.18 6.17 -38.84
C THR J 21 19.60 4.92 -39.54
N SER J 22 20.23 3.77 -39.34
CA SER J 22 19.75 2.54 -39.98
C SER J 22 18.38 2.10 -39.44
N CYS J 23 17.69 1.26 -40.19
CA CYS J 23 16.35 0.82 -39.81
C CYS J 23 16.20 -0.71 -39.86
N ASP J 24 17.22 -1.40 -40.36
CA ASP J 24 17.17 -2.85 -40.43
C ASP J 24 17.45 -3.49 -39.08
N ILE J 25 16.50 -4.28 -38.60
CA ILE J 25 16.64 -4.97 -37.31
C ILE J 25 17.85 -5.91 -37.31
N GLU J 26 18.08 -6.59 -38.44
CA GLU J 26 19.23 -7.48 -38.56
C GLU J 26 20.53 -6.69 -38.49
N LEU J 27 20.57 -5.56 -39.19
CA LEU J 27 21.78 -4.73 -39.25
C LEU J 27 21.98 -3.93 -37.96
N LEU J 28 20.92 -3.27 -37.51
CA LEU J 28 20.99 -2.40 -36.35
C LEU J 28 21.45 -3.15 -35.11
N ALA J 29 20.98 -4.39 -34.97
CA ALA J 29 21.36 -5.23 -33.83
C ALA J 29 22.77 -5.76 -33.99
N ALA J 30 23.20 -5.92 -35.24
CA ALA J 30 24.56 -6.37 -35.54
C ALA J 30 25.56 -5.32 -35.10
N CYS J 31 25.35 -4.09 -35.55
CA CYS J 31 26.18 -2.95 -35.14
C CYS J 31 26.10 -2.72 -33.65
N ARG J 32 24.88 -2.86 -33.11
CA ARG J 32 24.66 -2.71 -31.68
C ARG J 32 25.54 -3.71 -30.92
N GLU J 33 25.67 -4.90 -31.48
CA GLU J 33 26.57 -5.91 -30.93
C GLU J 33 28.03 -5.49 -31.14
N GLU J 34 28.32 -4.97 -32.32
CA GLU J 34 29.69 -4.63 -32.68
C GLU J 34 30.20 -3.42 -31.91
N PHE J 35 29.32 -2.44 -31.69
CA PHE J 35 29.70 -1.25 -30.93
C PHE J 35 30.11 -1.63 -29.52
N HIS J 36 29.31 -2.49 -28.88
CA HIS J 36 29.64 -2.98 -27.55
C HIS J 36 30.85 -3.90 -27.61
N ARG J 37 30.92 -4.70 -28.65
CA ARG J 37 31.97 -5.70 -28.80
C ARG J 37 33.36 -5.13 -28.60
N ARG J 38 33.59 -3.92 -29.11
CA ARG J 38 34.92 -3.34 -29.08
C ARG J 38 35.23 -2.61 -27.77
N LEU J 39 34.32 -1.74 -27.33
CA LEU J 39 34.55 -1.00 -26.10
C LEU J 39 34.62 -1.92 -24.88
N LYS J 40 33.92 -3.06 -24.95
CA LYS J 40 33.86 -3.98 -23.82
C LYS J 40 35.21 -4.65 -23.56
N VAL J 41 36.07 -4.65 -24.58
CA VAL J 41 37.39 -5.26 -24.49
C VAL J 41 38.40 -4.24 -23.97
N TYR J 42 38.17 -2.97 -24.28
CA TYR J 42 38.98 -1.89 -23.73
C TYR J 42 38.72 -1.75 -22.25
N HIS J 43 37.45 -1.78 -21.88
CA HIS J 43 37.04 -1.73 -20.49
C HIS J 43 37.65 -2.91 -19.75
N ALA J 44 37.77 -4.04 -20.44
CA ALA J 44 38.43 -5.22 -19.91
C ALA J 44 39.90 -4.97 -19.65
N TRP J 45 40.59 -4.41 -20.66
CA TRP J 45 42.01 -4.15 -20.54
C TRP J 45 42.31 -3.00 -19.58
N LYS J 46 41.50 -1.95 -19.65
CA LYS J 46 41.75 -0.72 -18.90
C LYS J 46 41.78 -0.98 -17.40
N SER J 47 40.89 -1.86 -16.94
CA SER J 47 40.83 -2.22 -15.53
C SER J 47 42.08 -2.98 -15.10
N LYS J 48 42.66 -3.73 -16.03
CA LYS J 48 43.85 -4.54 -15.75
C LYS J 48 45.10 -3.68 -15.66
N ASN J 49 45.21 -2.70 -16.54
CA ASN J 49 46.37 -1.80 -16.54
C ASN J 49 45.96 -0.35 -16.34
#